data_7BVZ
#
_entry.id   7BVZ
#
_cell.length_a   37.950
_cell.length_b   41.150
_cell.length_c   56.360
_cell.angle_alpha   82.340
_cell.angle_beta   74.010
_cell.angle_gamma   80.420
#
_symmetry.space_group_name_H-M   'P 1'
#
loop_
_entity.id
_entity.type
_entity.pdbx_description
1 polymer 'Cell shape determining protein MreB'
2 non-polymer "ADENOSINE-5'-DIPHOSPHATE"
3 non-polymer 'MAGNESIUM ION'
4 non-polymer 'POTASSIUM ION'
5 water water
#
_entity_poly.entity_id   1
_entity_poly.type   'polypeptide(L)'
_entity_poly.pdbx_seq_one_letter_code
;MRPETRPFISLDLGTANVLAYVSGQGVVYNEPSLMAYNNKTNSLIALGKAAYDMVGKTHGDIRMVTPLVDGVIADMEAAQ
DLLKHIFSRMKMMNIWKNAIVLLACPSGVTELEREALKNVAKEMGAELVIIEEEAKMAALGAGINIELPQGHLIIDIGGG
TTDLAIISSGDIVVSRSIKVAGNHFDDDIRKYIRSEYNIAIGQKTAEDVKKFIGSLVKYHNERSMQIYGRDIVSGLPKEA
KISSEEIRNVLLNAFSKITDLVIELLENTPPELAGDIMRNGITVCGGGALIRNIDKYFFDIFQLPTKIASDSLNCVIEGT
KIFEKTIKKNIENGLYNFQEKGLLSTLGKKRKGSHHHHHH
;
_entity_poly.pdbx_strand_id   A
#
# COMPACT_ATOMS: atom_id res chain seq x y z
N PRO A 3 -0.73 -4.14 34.18
CA PRO A 3 0.26 -3.06 34.04
C PRO A 3 0.17 -2.35 32.69
N GLU A 4 1.00 -1.33 32.49
CA GLU A 4 1.05 -0.58 31.24
C GLU A 4 2.11 -1.10 30.28
N THR A 5 2.95 -2.03 30.72
CA THR A 5 3.89 -2.72 29.84
C THR A 5 3.24 -3.86 29.05
N ARG A 6 1.93 -3.78 28.81
CA ARG A 6 1.22 -4.81 28.07
C ARG A 6 1.80 -4.93 26.66
N PRO A 7 1.96 -6.16 26.13
CA PRO A 7 2.47 -6.30 24.77
C PRO A 7 1.56 -5.61 23.75
N PHE A 8 2.17 -5.15 22.65
CA PHE A 8 1.47 -4.39 21.65
C PHE A 8 1.99 -4.77 20.27
N ILE A 9 1.08 -5.16 19.37
CA ILE A 9 1.43 -5.48 17.99
C ILE A 9 0.46 -4.75 17.07
N SER A 10 1.01 -4.14 16.03
CA SER A 10 0.20 -3.49 15.00
C SER A 10 0.59 -4.05 13.64
N LEU A 11 -0.39 -4.09 12.73
CA LEU A 11 -0.21 -4.76 11.45
C LEU A 11 -0.61 -3.83 10.31
N ASP A 12 0.21 -3.83 9.25
CA ASP A 12 -0.14 -3.22 7.98
C ASP A 12 -0.36 -4.37 7.00
N LEU A 13 -1.61 -4.78 6.83
CA LEU A 13 -1.96 -5.88 5.94
C LEU A 13 -2.26 -5.33 4.54
N GLY A 14 -1.21 -4.80 3.93
CA GLY A 14 -1.34 -4.17 2.64
C GLY A 14 -1.51 -5.16 1.50
N THR A 15 -1.97 -4.63 0.36
CA THR A 15 -2.13 -5.47 -0.82
C THR A 15 -0.80 -5.93 -1.38
N ALA A 16 0.23 -5.09 -1.28
CA ALA A 16 1.55 -5.41 -1.82
C ALA A 16 2.56 -5.80 -0.75
N ASN A 17 2.58 -5.12 0.40
CA ASN A 17 3.53 -5.39 1.46
C ASN A 17 2.81 -5.54 2.79
N VAL A 18 3.26 -6.49 3.60
CA VAL A 18 2.72 -6.76 4.92
C VAL A 18 3.77 -6.39 5.95
N LEU A 19 3.39 -5.55 6.91
CA LEU A 19 4.29 -5.08 7.95
C LEU A 19 3.72 -5.42 9.32
N ALA A 20 4.62 -5.61 10.29
CA ALA A 20 4.23 -5.98 11.66
C ALA A 20 5.19 -5.32 12.64
N TYR A 21 4.65 -4.45 13.49
CA TYR A 21 5.43 -3.75 14.49
C TYR A 21 5.14 -4.33 15.87
N VAL A 22 6.19 -4.55 16.65
CA VAL A 22 6.09 -5.03 18.02
C VAL A 22 6.71 -3.98 18.93
N SER A 23 5.98 -3.60 19.99
CA SER A 23 6.47 -2.59 20.91
C SER A 23 7.71 -3.09 21.63
N GLY A 24 8.80 -2.35 21.52
CA GLY A 24 10.06 -2.74 22.09
C GLY A 24 10.99 -3.50 21.15
N GLN A 25 10.52 -3.88 19.97
CA GLN A 25 11.34 -4.61 19.01
C GLN A 25 11.29 -4.04 17.60
N GLY A 26 10.51 -2.99 17.36
CA GLY A 26 10.43 -2.41 16.03
C GLY A 26 9.61 -3.25 15.08
N VAL A 27 9.91 -3.12 13.80
CA VAL A 27 9.22 -3.85 12.74
C VAL A 27 9.93 -5.19 12.57
N VAL A 28 9.32 -6.25 13.11
CA VAL A 28 9.91 -7.59 13.03
C VAL A 28 9.54 -8.33 11.75
N TYR A 29 8.58 -7.83 10.98
CA TYR A 29 8.14 -8.50 9.77
C TYR A 29 7.80 -7.45 8.72
N ASN A 30 8.45 -7.54 7.57
CA ASN A 30 8.21 -6.60 6.46
C ASN A 30 8.56 -7.35 5.17
N GLU A 31 7.55 -7.91 4.52
CA GLU A 31 7.73 -8.73 3.33
C GLU A 31 6.53 -8.54 2.43
N PRO A 32 6.65 -8.86 1.14
CA PRO A 32 5.48 -8.79 0.25
C PRO A 32 4.41 -9.79 0.64
N SER A 33 3.21 -9.56 0.11
CA SER A 33 2.03 -10.32 0.51
C SER A 33 1.89 -11.66 -0.20
N LEU A 34 2.66 -11.91 -1.26
CA LEU A 34 2.48 -13.12 -2.05
C LEU A 34 2.78 -14.36 -1.23
N MET A 35 1.90 -15.35 -1.34
CA MET A 35 2.04 -16.64 -0.67
C MET A 35 1.85 -17.75 -1.69
N ALA A 36 2.81 -18.66 -1.77
CA ALA A 36 2.78 -19.76 -2.72
C ALA A 36 2.20 -21.00 -2.06
N TYR A 37 1.22 -21.61 -2.71
CA TYR A 37 0.55 -22.81 -2.20
C TYR A 37 0.66 -23.94 -3.21
N ASN A 38 0.83 -25.15 -2.70
CA ASN A 38 0.76 -26.35 -3.54
C ASN A 38 -0.68 -26.54 -3.98
N ASN A 39 -0.93 -26.38 -5.28
CA ASN A 39 -2.31 -26.44 -5.78
C ASN A 39 -2.88 -27.85 -5.80
N LYS A 40 -2.07 -28.86 -5.51
CA LYS A 40 -2.57 -30.23 -5.43
C LYS A 40 -2.97 -30.61 -4.01
N THR A 41 -2.28 -30.08 -3.00
CA THR A 41 -2.53 -30.43 -1.61
C THR A 41 -3.00 -29.27 -0.75
N ASN A 42 -3.12 -28.06 -1.33
CA ASN A 42 -3.51 -26.86 -0.59
C ASN A 42 -2.60 -26.61 0.61
N SER A 43 -1.32 -26.96 0.48
CA SER A 43 -0.34 -26.80 1.53
C SER A 43 0.48 -25.53 1.29
N LEU A 44 0.87 -24.89 2.39
CA LEU A 44 1.69 -23.69 2.31
C LEU A 44 3.11 -24.05 1.91
N ILE A 45 3.60 -23.43 0.83
CA ILE A 45 4.96 -23.67 0.35
C ILE A 45 5.90 -22.55 0.78
N ALA A 46 5.53 -21.30 0.54
CA ALA A 46 6.39 -20.18 0.88
C ALA A 46 5.53 -18.92 1.01
N LEU A 47 6.10 -17.92 1.66
CA LEU A 47 5.45 -16.62 1.80
C LEU A 47 6.52 -15.53 1.87
N GLY A 48 6.11 -14.32 1.57
CA GLY A 48 7.03 -13.19 1.64
C GLY A 48 7.90 -13.12 0.41
N LYS A 49 9.21 -13.05 0.62
CA LYS A 49 10.14 -12.91 -0.50
C LYS A 49 10.27 -14.21 -1.28
N ALA A 50 10.23 -15.35 -0.59
CA ALA A 50 10.41 -16.64 -1.27
C ALA A 50 9.32 -16.87 -2.31
N ALA A 51 8.09 -16.43 -2.03
CA ALA A 51 7.03 -16.58 -3.02
C ALA A 51 7.01 -15.42 -4.00
N TYR A 52 7.47 -14.23 -3.57
CA TYR A 52 7.49 -13.07 -4.46
C TYR A 52 8.50 -13.22 -5.58
N ASP A 53 9.59 -13.95 -5.33
CA ASP A 53 10.59 -14.18 -6.36
C ASP A 53 10.16 -15.24 -7.38
N MET A 54 9.01 -15.87 -7.18
CA MET A 54 8.54 -16.94 -8.05
C MET A 54 7.32 -16.56 -8.88
N VAL A 55 6.73 -15.38 -8.66
CA VAL A 55 5.53 -15.01 -9.41
C VAL A 55 5.86 -14.93 -10.90
N GLY A 56 5.04 -15.61 -11.70
CA GLY A 56 5.34 -15.75 -13.11
C GLY A 56 6.38 -16.79 -13.45
N LYS A 57 6.86 -17.55 -12.45
CA LYS A 57 7.90 -18.55 -12.64
C LYS A 57 7.50 -19.89 -12.03
N THR A 58 6.21 -20.22 -12.04
CA THR A 58 5.72 -21.40 -11.36
C THR A 58 4.88 -22.26 -12.29
N HIS A 59 4.90 -23.57 -12.04
CA HIS A 59 4.03 -24.50 -12.74
C HIS A 59 2.58 -24.28 -12.28
N GLY A 60 1.65 -24.88 -13.02
CA GLY A 60 0.25 -24.81 -12.65
C GLY A 60 -0.06 -25.42 -11.31
N ASP A 61 0.82 -26.27 -10.79
CA ASP A 61 0.62 -26.91 -9.49
C ASP A 61 1.01 -26.01 -8.33
N ILE A 62 1.40 -24.77 -8.59
CA ILE A 62 1.74 -23.80 -7.54
C ILE A 62 0.80 -22.62 -7.68
N ARG A 63 -0.02 -22.40 -6.65
CA ARG A 63 -0.99 -21.31 -6.65
C ARG A 63 -0.43 -20.11 -5.91
N MET A 64 -0.42 -18.95 -6.57
CA MET A 64 -0.02 -17.70 -5.96
C MET A 64 -1.23 -17.01 -5.35
N VAL A 65 -1.14 -16.68 -4.07
CA VAL A 65 -2.28 -16.18 -3.32
C VAL A 65 -1.90 -14.88 -2.63
N THR A 66 -2.84 -13.92 -2.63
CA THR A 66 -2.72 -12.70 -1.84
C THR A 66 -3.77 -12.76 -0.73
N PRO A 67 -3.37 -12.72 0.54
CA PRO A 67 -4.37 -12.90 1.62
C PRO A 67 -5.40 -11.80 1.66
N LEU A 68 -4.99 -10.54 1.48
CA LEU A 68 -5.89 -9.40 1.54
C LEU A 68 -5.69 -8.54 0.30
N VAL A 69 -6.80 -8.18 -0.34
CA VAL A 69 -6.79 -7.26 -1.48
C VAL A 69 -7.66 -6.08 -1.11
N ASP A 70 -7.04 -4.90 -0.98
CA ASP A 70 -7.74 -3.67 -0.64
C ASP A 70 -8.41 -3.76 0.73
N GLY A 71 -7.72 -4.38 1.69
CA GLY A 71 -8.21 -4.49 3.04
C GLY A 71 -9.17 -5.62 3.31
N VAL A 72 -9.75 -6.22 2.28
CA VAL A 72 -10.72 -7.30 2.43
C VAL A 72 -9.98 -8.63 2.39
N ILE A 73 -10.44 -9.58 3.22
CA ILE A 73 -9.89 -10.93 3.21
C ILE A 73 -10.13 -11.56 1.85
N ALA A 74 -9.07 -11.67 1.04
CA ALA A 74 -9.22 -12.28 -0.27
C ALA A 74 -9.14 -13.80 -0.21
N ASP A 75 -8.36 -14.34 0.73
CA ASP A 75 -8.24 -15.78 0.91
C ASP A 75 -8.24 -16.05 2.41
N MET A 76 -9.28 -16.73 2.88
CA MET A 76 -9.40 -17.02 4.31
C MET A 76 -8.25 -17.90 4.81
N GLU A 77 -7.92 -18.95 4.04
CA GLU A 77 -6.86 -19.86 4.46
C GLU A 77 -5.50 -19.16 4.48
N ALA A 78 -5.27 -18.26 3.54
CA ALA A 78 -3.98 -17.55 3.49
C ALA A 78 -3.90 -16.47 4.55
N ALA A 79 -5.01 -15.78 4.83
CA ALA A 79 -5.01 -14.71 5.81
C ALA A 79 -4.63 -15.24 7.18
N GLN A 80 -5.24 -16.35 7.60
CA GLN A 80 -4.91 -16.93 8.89
C GLN A 80 -3.57 -17.65 8.88
N ASP A 81 -3.14 -18.16 7.73
CA ASP A 81 -1.79 -18.72 7.64
C ASP A 81 -0.73 -17.62 7.78
N LEU A 82 -1.04 -16.41 7.35
CA LEU A 82 -0.08 -15.32 7.41
C LEU A 82 0.14 -14.86 8.84
N LEU A 83 -0.93 -14.42 9.51
CA LEU A 83 -0.76 -13.89 10.86
C LEU A 83 -0.48 -14.98 11.88
N LYS A 84 -0.72 -16.25 11.55
CA LYS A 84 -0.20 -17.33 12.39
C LYS A 84 1.32 -17.36 12.36
N HIS A 85 1.90 -17.11 11.18
CA HIS A 85 3.35 -17.03 11.07
C HIS A 85 3.89 -15.83 11.84
N ILE A 86 3.13 -14.73 11.86
CA ILE A 86 3.54 -13.55 12.61
C ILE A 86 3.31 -13.76 14.10
N PHE A 87 2.17 -14.34 14.48
CA PHE A 87 1.90 -14.54 15.90
C PHE A 87 2.79 -15.61 16.50
N SER A 88 3.26 -16.57 15.69
CA SER A 88 4.16 -17.59 16.21
C SER A 88 5.50 -16.99 16.62
N ARG A 89 6.05 -16.08 15.81
CA ARG A 89 7.27 -15.39 16.19
C ARG A 89 7.06 -14.44 17.36
N MET A 90 5.81 -14.16 17.73
CA MET A 90 5.49 -13.52 18.99
C MET A 90 5.12 -14.52 20.07
N LYS A 91 4.52 -15.66 19.69
CA LYS A 91 4.26 -16.73 20.65
C LYS A 91 5.54 -17.19 21.32
N MET A 92 6.56 -17.49 20.52
CA MET A 92 7.91 -17.60 21.04
C MET A 92 8.45 -16.19 21.22
N MET A 93 8.58 -15.75 22.47
CA MET A 93 8.88 -14.35 22.76
C MET A 93 10.35 -14.01 22.46
N LYS A 97 1.54 -12.61 25.58
CA LYS A 97 0.54 -13.42 26.26
C LYS A 97 -0.73 -12.62 26.54
N ASN A 98 -0.66 -11.31 26.28
CA ASN A 98 -1.80 -10.42 26.46
C ASN A 98 -1.71 -9.25 25.48
N ALA A 99 -1.22 -9.52 24.28
CA ALA A 99 -0.88 -8.46 23.35
C ALA A 99 -2.11 -7.71 22.86
N ILE A 100 -1.92 -6.43 22.58
CA ILE A 100 -2.94 -5.60 21.94
C ILE A 100 -2.73 -5.68 20.44
N VAL A 101 -3.80 -5.95 19.71
CA VAL A 101 -3.74 -6.11 18.26
C VAL A 101 -4.41 -4.89 17.64
N LEU A 102 -3.59 -3.97 17.12
CA LEU A 102 -4.08 -2.79 16.42
C LEU A 102 -4.05 -3.05 14.93
N LEU A 103 -5.23 -3.09 14.30
CA LEU A 103 -5.35 -3.27 12.87
C LEU A 103 -5.65 -1.94 12.21
N ALA A 104 -5.05 -1.71 11.05
CA ALA A 104 -5.29 -0.52 10.24
C ALA A 104 -6.05 -0.94 9.00
N CYS A 105 -7.27 -0.41 8.84
CA CYS A 105 -8.12 -0.81 7.73
C CYS A 105 -8.38 0.36 6.78
N PRO A 106 -8.32 0.12 5.47
CA PRO A 106 -8.66 1.18 4.51
C PRO A 106 -10.11 1.61 4.65
N SER A 107 -10.41 2.79 4.11
CA SER A 107 -11.73 3.37 4.23
C SER A 107 -12.79 2.58 3.46
N GLY A 108 -12.39 1.74 2.51
CA GLY A 108 -13.37 1.01 1.73
C GLY A 108 -13.84 -0.29 2.34
N VAL A 109 -13.27 -0.69 3.47
CA VAL A 109 -13.63 -1.95 4.11
C VAL A 109 -14.92 -1.74 4.91
N THR A 110 -15.90 -2.61 4.69
CA THR A 110 -17.16 -2.54 5.41
C THR A 110 -16.98 -3.04 6.84
N GLU A 111 -17.94 -2.67 7.70
CA GLU A 111 -17.90 -3.15 9.07
C GLU A 111 -18.05 -4.67 9.14
N LEU A 112 -18.77 -5.27 8.18
CA LEU A 112 -18.91 -6.72 8.17
C LEU A 112 -17.59 -7.41 7.83
N GLU A 113 -16.81 -6.82 6.93
CA GLU A 113 -15.49 -7.35 6.60
C GLU A 113 -14.47 -7.06 7.70
N ARG A 114 -14.66 -5.97 8.44
CA ARG A 114 -13.74 -5.67 9.54
C ARG A 114 -13.94 -6.61 10.70
N GLU A 115 -15.19 -7.00 10.97
CA GLU A 115 -15.44 -8.01 11.98
C GLU A 115 -14.82 -9.35 11.61
N ALA A 116 -14.71 -9.62 10.31
CA ALA A 116 -14.01 -10.82 9.86
C ALA A 116 -12.52 -10.72 10.13
N LEU A 117 -11.93 -9.53 9.94
CA LEU A 117 -10.52 -9.35 10.24
C LEU A 117 -10.24 -9.54 11.73
N LYS A 118 -11.15 -9.10 12.59
CA LYS A 118 -10.96 -9.28 14.03
C LYS A 118 -11.08 -10.75 14.43
N ASN A 119 -12.10 -11.44 13.92
CA ASN A 119 -12.32 -12.82 14.30
C ASN A 119 -11.17 -13.72 13.84
N VAL A 120 -10.68 -13.51 12.62
CA VAL A 120 -9.56 -14.29 12.12
C VAL A 120 -8.34 -14.07 13.01
N ALA A 121 -8.12 -12.82 13.45
CA ALA A 121 -7.07 -12.56 14.43
C ALA A 121 -7.37 -13.27 15.74
N LYS A 122 -8.62 -13.19 16.21
CA LYS A 122 -8.99 -13.83 17.46
C LYS A 122 -8.96 -15.36 17.33
N GLU A 123 -9.34 -15.88 16.17
CA GLU A 123 -9.36 -17.33 15.98
C GLU A 123 -7.96 -17.92 16.07
N MET A 124 -6.93 -17.15 15.72
CA MET A 124 -5.55 -17.59 15.80
C MET A 124 -4.87 -17.19 17.11
N GLY A 125 -5.60 -16.55 18.03
CA GLY A 125 -5.07 -16.32 19.37
C GLY A 125 -4.95 -14.88 19.81
N ALA A 126 -5.85 -14.01 19.35
CA ALA A 126 -5.85 -12.61 19.76
C ALA A 126 -6.93 -12.37 20.80
N GLU A 127 -6.59 -11.58 21.82
CA GLU A 127 -7.49 -11.28 22.92
C GLU A 127 -8.25 -9.96 22.75
N LEU A 128 -7.55 -8.90 22.34
CA LEU A 128 -8.17 -7.59 22.15
C LEU A 128 -7.69 -7.02 20.83
N VAL A 129 -8.61 -6.88 19.87
CA VAL A 129 -8.28 -6.43 18.52
C VAL A 129 -8.90 -5.05 18.32
N ILE A 130 -8.08 -4.08 17.95
CA ILE A 130 -8.51 -2.71 17.72
C ILE A 130 -8.30 -2.38 16.25
N ILE A 131 -9.26 -1.67 15.65
CA ILE A 131 -9.22 -1.28 14.25
C ILE A 131 -9.18 0.24 14.17
N GLU A 132 -8.24 0.77 13.39
CA GLU A 132 -8.11 2.20 13.16
C GLU A 132 -8.05 2.47 11.66
N GLU A 133 -8.34 3.71 11.28
CA GLU A 133 -8.29 4.10 9.88
C GLU A 133 -6.85 4.24 9.41
N GLU A 134 -6.56 3.69 8.23
CA GLU A 134 -5.21 3.78 7.69
C GLU A 134 -4.81 5.22 7.39
N ALA A 135 -5.77 6.06 7.02
CA ALA A 135 -5.45 7.43 6.61
C ALA A 135 -4.86 8.21 7.76
N LYS A 136 -5.45 8.11 8.96
CA LYS A 136 -4.89 8.81 10.11
C LYS A 136 -3.61 8.13 10.60
N MET A 137 -3.48 6.82 10.37
CA MET A 137 -2.21 6.16 10.66
C MET A 137 -1.14 6.61 9.68
N ALA A 138 -1.48 6.67 8.38
CA ALA A 138 -0.54 7.18 7.40
C ALA A 138 -0.18 8.64 7.68
N ALA A 139 -1.14 9.42 8.17
CA ALA A 139 -0.85 10.81 8.50
C ALA A 139 0.07 10.92 9.70
N LEU A 140 -0.08 10.02 10.67
CA LEU A 140 0.82 10.00 11.81
C LEU A 140 2.23 9.60 11.40
N GLY A 141 2.36 8.61 10.52
CA GLY A 141 3.66 8.17 10.04
C GLY A 141 4.33 9.15 9.09
N ALA A 142 3.59 10.12 8.56
CA ALA A 142 4.14 11.12 7.67
C ALA A 142 4.57 12.40 8.40
N GLY A 143 4.31 12.50 9.70
CA GLY A 143 4.73 13.64 10.48
C GLY A 143 3.65 14.63 10.80
N ILE A 144 2.42 14.39 10.40
CA ILE A 144 1.32 15.31 10.65
C ILE A 144 0.84 15.13 12.10
N ASN A 145 0.63 16.26 12.78
CA ASN A 145 0.00 16.25 14.10
C ASN A 145 -1.51 16.35 13.89
N ILE A 146 -2.14 15.19 13.72
CA ILE A 146 -3.56 15.16 13.36
C ILE A 146 -4.44 15.76 14.44
N GLU A 147 -3.96 15.87 15.68
CA GLU A 147 -4.75 16.45 16.75
C GLU A 147 -5.03 17.93 16.54
N LEU A 148 -4.20 18.62 15.77
CA LEU A 148 -4.38 20.05 15.56
C LEU A 148 -5.51 20.32 14.58
N PRO A 149 -6.29 21.43 14.80
CA PRO A 149 -7.38 21.80 13.86
C PRO A 149 -6.85 22.46 12.59
N GLN A 150 -6.05 21.70 11.84
CA GLN A 150 -5.50 22.17 10.57
C GLN A 150 -5.69 21.07 9.53
N GLY A 151 -6.27 21.43 8.39
CA GLY A 151 -6.57 20.44 7.37
C GLY A 151 -5.34 19.99 6.60
N HIS A 152 -5.26 18.68 6.36
CA HIS A 152 -4.18 18.10 5.56
C HIS A 152 -4.77 17.12 4.56
N LEU A 153 -4.10 17.00 3.42
CA LEU A 153 -4.54 16.13 2.33
C LEU A 153 -3.56 14.97 2.22
N ILE A 154 -4.03 13.77 2.53
CA ILE A 154 -3.21 12.57 2.52
C ILE A 154 -3.59 11.74 1.30
N ILE A 155 -2.60 11.47 0.44
CA ILE A 155 -2.77 10.62 -0.73
C ILE A 155 -1.92 9.37 -0.51
N ASP A 156 -2.59 8.24 -0.31
CA ASP A 156 -1.94 6.96 -0.05
C ASP A 156 -2.07 6.09 -1.30
N ILE A 157 -0.97 5.95 -2.03
CA ILE A 157 -0.93 5.17 -3.26
C ILE A 157 -0.25 3.84 -2.92
N GLY A 158 -1.05 2.79 -2.79
CA GLY A 158 -0.58 1.48 -2.40
C GLY A 158 -0.47 0.53 -3.58
N GLY A 159 -0.72 -0.75 -3.31
CA GLY A 159 -0.62 -1.76 -4.34
C GLY A 159 -1.85 -1.84 -5.23
N GLY A 160 -3.03 -1.72 -4.62
CA GLY A 160 -4.26 -1.85 -5.39
C GLY A 160 -5.28 -0.77 -5.12
N THR A 161 -4.93 0.20 -4.29
CA THR A 161 -5.87 1.27 -3.93
C THR A 161 -5.10 2.57 -3.72
N THR A 162 -5.65 3.66 -4.26
CA THR A 162 -5.18 5.01 -4.01
C THR A 162 -6.19 5.68 -3.09
N ASP A 163 -5.80 5.91 -1.84
CA ASP A 163 -6.71 6.40 -0.81
C ASP A 163 -6.47 7.89 -0.55
N LEU A 164 -7.55 8.66 -0.56
CA LEU A 164 -7.51 10.09 -0.33
C LEU A 164 -8.33 10.43 0.90
N ALA A 165 -7.86 11.40 1.69
CA ALA A 165 -8.56 11.79 2.90
C ALA A 165 -8.16 13.20 3.29
N ILE A 166 -9.15 13.98 3.75
CA ILE A 166 -8.92 15.28 4.35
C ILE A 166 -9.01 15.11 5.85
N ILE A 167 -7.89 15.33 6.55
CA ILE A 167 -7.79 15.07 7.97
C ILE A 167 -7.66 16.39 8.71
N SER A 168 -8.45 16.54 9.78
CA SER A 168 -8.38 17.72 10.64
C SER A 168 -8.90 17.34 12.01
N SER A 169 -8.19 17.77 13.05
CA SER A 169 -8.55 17.49 14.44
C SER A 169 -8.63 15.99 14.72
N GLY A 170 -7.84 15.20 13.99
CA GLY A 170 -7.80 13.76 14.22
C GLY A 170 -8.99 13.00 13.69
N ASP A 171 -9.67 13.51 12.67
CA ASP A 171 -10.82 12.85 12.09
C ASP A 171 -10.79 12.98 10.58
N ILE A 172 -11.47 12.06 9.90
CA ILE A 172 -11.55 12.05 8.45
C ILE A 172 -12.76 12.90 8.07
N VAL A 173 -12.51 14.12 7.62
CA VAL A 173 -13.61 15.00 7.21
C VAL A 173 -14.20 14.53 5.89
N VAL A 174 -13.36 14.40 4.86
CA VAL A 174 -13.78 13.94 3.54
C VAL A 174 -12.86 12.79 3.13
N SER A 175 -13.45 11.79 2.48
CA SER A 175 -12.71 10.59 2.11
C SER A 175 -13.12 10.12 0.71
N ARG A 176 -12.13 9.69 -0.06
CA ARG A 176 -12.35 9.14 -1.39
C ARG A 176 -11.38 7.99 -1.61
N SER A 177 -11.75 7.08 -2.52
CA SER A 177 -10.94 5.90 -2.78
C SER A 177 -11.20 5.43 -4.21
N ILE A 178 -10.18 4.85 -4.83
CA ILE A 178 -10.31 4.31 -6.18
C ILE A 178 -9.33 3.14 -6.30
N LYS A 179 -9.78 2.09 -7.00
CA LYS A 179 -8.96 0.89 -7.16
C LYS A 179 -7.98 1.03 -8.33
N VAL A 180 -7.18 2.10 -8.32
CA VAL A 180 -6.17 2.34 -9.32
C VAL A 180 -4.87 2.68 -8.59
N ALA A 181 -3.92 1.75 -8.60
CA ALA A 181 -2.67 1.96 -7.89
C ALA A 181 -1.51 1.21 -8.54
N GLY A 182 -0.63 0.63 -7.72
CA GLY A 182 0.59 0.05 -8.25
C GLY A 182 0.35 -1.11 -9.20
N ASN A 183 -0.56 -2.01 -8.81
CA ASN A 183 -0.86 -3.15 -9.68
C ASN A 183 -1.47 -2.71 -11.00
N HIS A 184 -2.28 -1.64 -10.98
CA HIS A 184 -2.81 -1.10 -12.23
C HIS A 184 -1.71 -0.49 -13.08
N PHE A 185 -0.70 0.11 -12.44
CA PHE A 185 0.42 0.67 -13.21
C PHE A 185 1.24 -0.43 -13.85
N ASP A 186 1.47 -1.54 -13.14
CA ASP A 186 2.23 -2.64 -13.70
C ASP A 186 1.52 -3.26 -14.90
N ASP A 187 0.19 -3.42 -14.80
CA ASP A 187 -0.56 -4.00 -15.91
C ASP A 187 -0.52 -3.09 -17.14
N ASP A 188 -0.66 -1.77 -16.94
CA ASP A 188 -0.60 -0.84 -18.06
C ASP A 188 0.77 -0.84 -18.72
N ILE A 189 1.83 -0.98 -17.92
CA ILE A 189 3.17 -1.11 -18.49
C ILE A 189 3.27 -2.41 -19.29
N ARG A 190 2.76 -3.51 -18.73
CA ARG A 190 2.75 -4.78 -19.45
C ARG A 190 1.95 -4.68 -20.75
N LYS A 191 0.77 -4.04 -20.69
CA LYS A 191 -0.06 -3.94 -21.88
C LYS A 191 0.51 -2.97 -22.89
N TYR A 192 1.22 -1.94 -22.44
CA TYR A 192 1.85 -1.00 -23.38
C TYR A 192 3.00 -1.67 -24.12
N ILE A 193 3.83 -2.43 -23.40
CA ILE A 193 4.98 -3.09 -24.02
C ILE A 193 4.53 -4.18 -24.98
N ARG A 194 3.31 -4.70 -24.82
CA ARG A 194 2.78 -5.67 -25.78
C ARG A 194 2.21 -4.98 -27.01
N SER A 195 1.63 -3.78 -26.84
CA SER A 195 1.04 -3.09 -27.98
C SER A 195 2.07 -2.29 -28.77
N GLU A 196 3.15 -1.86 -28.13
CA GLU A 196 4.20 -1.07 -28.78
C GLU A 196 5.34 -1.90 -29.32
N TYR A 197 5.74 -2.96 -28.63
CA TYR A 197 6.87 -3.79 -29.04
C TYR A 197 6.49 -5.23 -29.35
N ASN A 198 5.23 -5.62 -29.16
CA ASN A 198 4.77 -6.99 -29.41
C ASN A 198 5.61 -8.00 -28.63
N ILE A 199 5.83 -7.71 -27.35
CA ILE A 199 6.58 -8.57 -26.46
C ILE A 199 5.80 -8.75 -25.17
N ALA A 200 5.60 -10.00 -24.75
CA ALA A 200 4.90 -10.30 -23.51
C ALA A 200 5.91 -10.38 -22.37
N ILE A 201 5.66 -9.63 -21.31
CA ILE A 201 6.51 -9.63 -20.13
C ILE A 201 5.67 -10.01 -18.92
N GLY A 202 6.34 -10.50 -17.88
CA GLY A 202 5.67 -10.84 -16.65
C GLY A 202 5.40 -9.63 -15.79
N GLN A 203 4.65 -9.86 -14.70
CA GLN A 203 4.32 -8.77 -13.79
C GLN A 203 5.55 -8.25 -13.06
N LYS A 204 6.54 -9.12 -12.82
CA LYS A 204 7.72 -8.69 -12.07
C LYS A 204 8.57 -7.73 -12.90
N THR A 205 8.77 -8.03 -14.19
CA THR A 205 9.51 -7.12 -15.05
C THR A 205 8.79 -5.79 -15.20
N ALA A 206 7.47 -5.82 -15.33
CA ALA A 206 6.70 -4.58 -15.44
C ALA A 206 6.83 -3.73 -14.18
N GLU A 207 6.90 -4.38 -13.01
CA GLU A 207 7.03 -3.63 -11.77
C GLU A 207 8.42 -3.02 -11.63
N ASP A 208 9.46 -3.75 -12.04
CA ASP A 208 10.82 -3.23 -11.93
C ASP A 208 11.06 -2.07 -12.87
N VAL A 209 10.37 -2.03 -14.01
CA VAL A 209 10.49 -0.89 -14.92
C VAL A 209 9.93 0.36 -14.27
N LYS A 210 8.76 0.24 -13.63
CA LYS A 210 8.17 1.37 -12.93
C LYS A 210 9.11 1.90 -11.84
N LYS A 211 9.80 0.99 -11.12
CA LYS A 211 10.68 1.42 -10.05
C LYS A 211 11.98 2.00 -10.56
N PHE A 212 12.50 1.49 -11.68
CA PHE A 212 13.83 1.89 -12.15
C PHE A 212 13.80 3.16 -12.99
N ILE A 213 12.80 3.31 -13.87
CA ILE A 213 12.74 4.45 -14.78
C ILE A 213 11.38 5.14 -14.76
N GLY A 214 10.45 4.71 -13.92
CA GLY A 214 9.14 5.34 -13.89
C GLY A 214 9.19 6.72 -13.29
N SER A 215 8.31 7.59 -13.80
CA SER A 215 8.23 8.98 -13.36
C SER A 215 6.96 9.60 -13.92
N LEU A 216 6.60 10.77 -13.37
CA LEU A 216 5.49 11.55 -13.87
C LEU A 216 5.92 12.87 -14.50
N VAL A 217 7.10 13.37 -14.16
CA VAL A 217 7.70 14.53 -14.82
C VAL A 217 9.13 14.16 -15.17
N LYS A 218 9.60 14.67 -16.32
CA LYS A 218 10.96 14.37 -16.77
C LYS A 218 11.98 14.80 -15.72
N TYR A 219 12.91 13.91 -15.40
CA TYR A 219 13.90 14.12 -14.35
C TYR A 219 15.30 14.14 -14.96
N HIS A 220 16.28 14.44 -14.12
CA HIS A 220 17.64 14.66 -14.60
C HIS A 220 18.30 13.34 -15.01
N ASN A 221 18.79 13.31 -16.24
CA ASN A 221 19.58 12.18 -16.77
C ASN A 221 18.81 10.86 -16.68
N GLU A 222 17.60 10.86 -17.24
CA GLU A 222 16.81 9.64 -17.28
C GLU A 222 17.42 8.63 -18.24
N ARG A 223 17.50 7.37 -17.81
CA ARG A 223 18.12 6.31 -18.57
C ARG A 223 17.07 5.40 -19.18
N SER A 224 17.51 4.55 -20.10
CA SER A 224 16.69 3.52 -20.71
C SER A 224 17.19 2.15 -20.25
N MET A 225 16.26 1.23 -20.02
CA MET A 225 16.60 -0.10 -19.54
C MET A 225 16.14 -1.15 -20.54
N GLN A 226 16.69 -2.35 -20.39
CA GLN A 226 16.39 -3.47 -21.27
C GLN A 226 15.43 -4.42 -20.58
N ILE A 227 14.37 -4.80 -21.29
CA ILE A 227 13.43 -5.80 -20.82
C ILE A 227 13.72 -7.11 -21.53
N TYR A 228 13.20 -8.20 -20.98
CA TYR A 228 13.39 -9.53 -21.55
C TYR A 228 12.08 -10.29 -21.37
N GLY A 229 11.40 -10.60 -22.48
CA GLY A 229 10.14 -11.31 -22.43
C GLY A 229 9.97 -12.27 -23.57
N ARG A 230 8.72 -12.64 -23.87
CA ARG A 230 8.40 -13.58 -24.93
C ARG A 230 7.83 -12.82 -26.13
N ASP A 231 8.38 -13.08 -27.31
CA ASP A 231 7.92 -12.44 -28.52
C ASP A 231 6.60 -13.06 -28.98
N ILE A 232 5.62 -12.20 -29.26
CA ILE A 232 4.32 -12.68 -29.73
C ILE A 232 4.45 -13.31 -31.11
N VAL A 233 5.30 -12.73 -31.96
CA VAL A 233 5.42 -13.20 -33.34
C VAL A 233 6.21 -14.51 -33.40
N SER A 234 7.47 -14.47 -32.99
CA SER A 234 8.36 -15.63 -33.15
C SER A 234 8.14 -16.70 -32.10
N GLY A 235 7.58 -16.34 -30.94
CA GLY A 235 7.48 -17.27 -29.82
C GLY A 235 8.75 -17.44 -29.02
N LEU A 236 9.87 -16.96 -29.51
CA LEU A 236 11.16 -17.01 -28.85
C LEU A 236 11.34 -15.81 -27.93
N PRO A 237 12.20 -15.93 -26.92
CA PRO A 237 12.48 -14.77 -26.06
C PRO A 237 13.07 -13.61 -26.86
N LYS A 238 12.58 -12.40 -26.58
CA LYS A 238 12.99 -11.21 -27.31
C LYS A 238 13.33 -10.09 -26.34
N GLU A 239 14.32 -9.29 -26.72
CA GLU A 239 14.78 -8.15 -25.93
C GLU A 239 14.22 -6.86 -26.50
N ALA A 240 14.16 -5.83 -25.66
CA ALA A 240 13.64 -4.53 -26.09
C ALA A 240 14.22 -3.43 -25.20
N LYS A 241 14.47 -2.27 -25.80
CA LYS A 241 14.94 -1.10 -25.08
C LYS A 241 13.80 -0.12 -24.90
N ILE A 242 13.58 0.31 -23.66
CA ILE A 242 12.46 1.17 -23.30
C ILE A 242 13.00 2.42 -22.62
N SER A 243 12.61 3.59 -23.12
CA SER A 243 13.06 4.85 -22.56
C SER A 243 12.18 5.25 -21.37
N SER A 244 12.71 6.17 -20.56
CA SER A 244 11.95 6.69 -19.43
C SER A 244 10.76 7.54 -19.87
N GLU A 245 10.82 8.10 -21.09
CA GLU A 245 9.74 8.98 -21.55
C GLU A 245 8.46 8.20 -21.80
N GLU A 246 8.56 7.08 -22.53
CA GLU A 246 7.36 6.30 -22.83
C GLU A 246 6.79 5.66 -21.58
N ILE A 247 7.63 5.35 -20.59
CA ILE A 247 7.11 4.89 -19.30
C ILE A 247 6.42 6.04 -18.58
N ARG A 248 6.89 7.27 -18.77
CA ARG A 248 6.24 8.42 -18.15
C ARG A 248 4.87 8.67 -18.76
N ASN A 249 4.76 8.55 -20.09
CA ASN A 249 3.50 8.85 -20.75
C ASN A 249 2.40 7.84 -20.39
N VAL A 250 2.78 6.59 -20.11
CA VAL A 250 1.76 5.62 -19.72
C VAL A 250 1.37 5.77 -18.26
N LEU A 251 2.30 6.23 -17.41
CA LEU A 251 1.93 6.57 -16.04
C LEU A 251 1.08 7.83 -16.00
N LEU A 252 1.39 8.79 -16.88
CA LEU A 252 0.55 9.98 -17.02
C LEU A 252 -0.89 9.61 -17.33
N ASN A 253 -1.09 8.66 -18.23
CA ASN A 253 -2.45 8.23 -18.57
C ASN A 253 -3.09 7.45 -17.43
N ALA A 254 -2.31 6.67 -16.68
CA ALA A 254 -2.87 5.91 -15.58
C ALA A 254 -3.30 6.83 -14.44
N PHE A 255 -2.60 7.95 -14.24
CA PHE A 255 -2.95 8.90 -13.19
C PHE A 255 -4.14 9.78 -13.55
N SER A 256 -4.78 9.54 -14.69
CA SER A 256 -5.93 10.37 -15.09
C SER A 256 -7.11 10.17 -14.14
N LYS A 257 -7.40 8.92 -13.78
CA LYS A 257 -8.52 8.65 -12.89
C LYS A 257 -8.20 8.98 -11.43
N ILE A 258 -6.91 9.11 -11.08
CA ILE A 258 -6.56 9.55 -9.74
C ILE A 258 -6.69 11.06 -9.61
N THR A 259 -6.37 11.81 -10.67
CA THR A 259 -6.42 13.26 -10.61
C THR A 259 -7.84 13.77 -10.43
N ASP A 260 -8.79 13.21 -11.19
CA ASP A 260 -10.17 13.65 -11.08
C ASP A 260 -10.77 13.28 -9.73
N LEU A 261 -10.27 12.22 -9.10
CA LEU A 261 -10.71 11.90 -7.75
C LEU A 261 -10.29 12.99 -6.76
N VAL A 262 -9.09 13.54 -6.94
CA VAL A 262 -8.66 14.67 -6.13
C VAL A 262 -9.58 15.86 -6.36
N ILE A 263 -9.95 16.10 -7.61
CA ILE A 263 -10.91 17.17 -7.91
C ILE A 263 -12.23 16.90 -7.20
N GLU A 264 -12.65 15.64 -7.17
CA GLU A 264 -13.91 15.30 -6.50
C GLU A 264 -13.79 15.41 -4.99
N LEU A 265 -12.62 15.06 -4.44
CA LEU A 265 -12.40 15.21 -3.00
C LEU A 265 -12.39 16.69 -2.61
N LEU A 266 -11.76 17.54 -3.41
CA LEU A 266 -11.76 18.96 -3.14
C LEU A 266 -13.10 19.61 -3.48
N GLU A 267 -13.90 19.00 -4.36
CA GLU A 267 -15.21 19.56 -4.68
C GLU A 267 -16.12 19.54 -3.46
N ASN A 268 -16.06 18.48 -2.65
CA ASN A 268 -16.93 18.31 -1.50
C ASN A 268 -16.21 18.61 -0.19
N THR A 269 -15.13 19.38 -0.24
CA THR A 269 -14.37 19.77 0.95
C THR A 269 -14.89 21.09 1.49
N PRO A 270 -15.18 21.18 2.79
CA PRO A 270 -15.71 22.43 3.33
C PRO A 270 -14.77 23.59 3.06
N PRO A 271 -15.31 24.79 2.86
CA PRO A 271 -14.46 25.91 2.41
C PRO A 271 -13.35 26.27 3.38
N GLU A 272 -13.56 26.08 4.68
CA GLU A 272 -12.50 26.37 5.65
C GLU A 272 -11.36 25.37 5.55
N LEU A 273 -11.67 24.10 5.23
CA LEU A 273 -10.62 23.12 5.02
C LEU A 273 -9.81 23.43 3.75
N ALA A 274 -10.52 23.74 2.66
CA ALA A 274 -9.85 24.05 1.40
C ALA A 274 -8.83 25.17 1.57
N GLY A 275 -9.11 26.11 2.46
CA GLY A 275 -8.12 27.14 2.76
C GLY A 275 -6.85 26.59 3.36
N ASP A 276 -6.98 25.57 4.22
CA ASP A 276 -5.80 24.96 4.82
C ASP A 276 -5.03 24.12 3.81
N ILE A 277 -5.71 23.58 2.80
CA ILE A 277 -5.04 22.75 1.81
C ILE A 277 -4.05 23.59 0.99
N MET A 278 -4.37 24.86 0.74
CA MET A 278 -3.44 25.72 0.01
C MET A 278 -2.19 26.00 0.81
N ARG A 279 -2.29 26.11 2.13
CA ARG A 279 -1.15 26.45 2.96
C ARG A 279 -0.42 25.21 3.49
N ASN A 280 -1.15 24.18 3.91
CA ASN A 280 -0.52 22.97 4.40
C ASN A 280 -0.06 22.08 3.25
N GLY A 281 -0.92 21.87 2.27
CA GLY A 281 -0.54 21.17 1.07
C GLY A 281 -0.97 19.72 1.04
N ILE A 282 -0.39 18.99 0.09
CA ILE A 282 -0.65 17.58 -0.13
C ILE A 282 0.50 16.77 0.45
N THR A 283 0.18 15.68 1.14
CA THR A 283 1.17 14.75 1.65
C THR A 283 0.96 13.41 0.96
N VAL A 284 1.90 13.03 0.10
CA VAL A 284 1.84 11.79 -0.65
C VAL A 284 2.63 10.73 0.09
N CYS A 285 1.99 9.59 0.38
CA CYS A 285 2.62 8.51 1.12
C CYS A 285 2.27 7.18 0.46
N GLY A 286 3.02 6.16 0.80
CA GLY A 286 2.85 4.84 0.22
C GLY A 286 3.89 4.56 -0.85
N GLY A 287 3.78 3.36 -1.43
CA GLY A 287 4.74 2.97 -2.45
C GLY A 287 4.71 3.87 -3.66
N GLY A 288 3.51 4.23 -4.11
CA GLY A 288 3.35 5.15 -5.23
C GLY A 288 3.92 6.53 -5.01
N ALA A 289 4.20 6.91 -3.76
CA ALA A 289 4.83 8.20 -3.50
C ALA A 289 6.27 8.25 -4.00
N LEU A 290 6.86 7.09 -4.29
CA LEU A 290 8.23 7.02 -4.78
C LEU A 290 8.35 7.25 -6.28
N ILE A 291 7.22 7.46 -6.98
CA ILE A 291 7.29 7.83 -8.38
C ILE A 291 8.05 9.13 -8.52
N ARG A 292 9.04 9.15 -9.40
CA ARG A 292 9.90 10.31 -9.54
C ARG A 292 9.09 11.54 -9.94
N ASN A 293 9.33 12.64 -9.23
CA ASN A 293 8.68 13.93 -9.50
C ASN A 293 7.15 13.84 -9.38
N ILE A 294 6.66 12.99 -8.48
CA ILE A 294 5.21 12.95 -8.24
C ILE A 294 4.77 14.21 -7.50
N ASP A 295 5.67 14.83 -6.75
CA ASP A 295 5.33 16.07 -6.06
C ASP A 295 5.17 17.23 -7.05
N LYS A 296 6.11 17.36 -7.99
CA LYS A 296 5.99 18.39 -9.00
C LYS A 296 4.81 18.15 -9.93
N TYR A 297 4.46 16.87 -10.16
CA TYR A 297 3.31 16.56 -11.00
C TYR A 297 2.01 17.00 -10.35
N PHE A 298 1.83 16.69 -9.06
CA PHE A 298 0.63 17.14 -8.35
C PHE A 298 0.61 18.66 -8.20
N PHE A 299 1.78 19.28 -8.04
CA PHE A 299 1.82 20.74 -7.91
C PHE A 299 1.43 21.42 -9.22
N ASP A 300 1.89 20.89 -10.35
CA ASP A 300 1.59 21.51 -11.64
C ASP A 300 0.11 21.42 -11.99
N ILE A 301 -0.63 20.49 -11.42
CA ILE A 301 -2.03 20.30 -11.75
C ILE A 301 -2.93 21.13 -10.84
N PHE A 302 -2.77 21.00 -9.53
CA PHE A 302 -3.67 21.60 -8.56
C PHE A 302 -3.16 22.91 -7.99
N GLN A 303 -1.95 23.35 -8.36
CA GLN A 303 -1.31 24.53 -7.78
C GLN A 303 -1.21 24.41 -6.27
N LEU A 304 -1.12 23.18 -5.76
CA LEU A 304 -1.02 22.90 -4.34
C LEU A 304 0.38 22.43 -3.98
N PRO A 305 0.98 22.96 -2.93
CA PRO A 305 2.30 22.48 -2.53
C PRO A 305 2.25 21.00 -2.15
N THR A 306 3.14 20.22 -2.72
CA THR A 306 3.15 18.78 -2.56
C THR A 306 4.48 18.33 -1.98
N LYS A 307 4.41 17.51 -0.93
CA LYS A 307 5.59 16.98 -0.27
C LYS A 307 5.47 15.47 -0.14
N ILE A 308 6.60 14.79 -0.30
CA ILE A 308 6.66 13.33 -0.20
C ILE A 308 7.11 12.96 1.21
N ALA A 309 6.35 12.08 1.86
CA ALA A 309 6.67 11.68 3.21
C ALA A 309 7.92 10.80 3.24
N SER A 310 8.72 10.95 4.30
CA SER A 310 9.91 10.14 4.45
C SER A 310 9.53 8.70 4.79
N ASP A 311 10.16 7.75 4.11
CA ASP A 311 9.84 6.33 4.23
C ASP A 311 8.35 6.11 4.00
N SER A 312 7.91 6.46 2.79
CA SER A 312 6.48 6.43 2.47
C SER A 312 5.90 5.02 2.58
N LEU A 313 6.74 3.99 2.42
CA LEU A 313 6.25 2.62 2.54
C LEU A 313 5.81 2.31 3.97
N ASN A 314 6.36 2.99 4.96
CA ASN A 314 6.14 2.66 6.36
C ASN A 314 5.23 3.67 7.07
N CYS A 315 4.61 4.59 6.34
CA CYS A 315 3.80 5.63 6.99
C CYS A 315 2.68 5.03 7.82
N VAL A 316 2.09 3.92 7.36
CA VAL A 316 1.01 3.28 8.11
C VAL A 316 1.55 2.60 9.36
N ILE A 317 2.65 1.85 9.20
CA ILE A 317 3.20 1.14 10.35
C ILE A 317 3.91 2.09 11.31
N GLU A 318 4.45 3.21 10.80
CA GLU A 318 5.04 4.20 11.68
C GLU A 318 3.98 4.99 12.42
N GLY A 319 2.81 5.18 11.80
CA GLY A 319 1.72 5.84 12.50
C GLY A 319 1.17 4.99 13.64
N THR A 320 1.12 3.67 13.45
CA THR A 320 0.68 2.80 14.53
C THR A 320 1.68 2.79 15.69
N LYS A 321 2.96 3.00 15.39
CA LYS A 321 3.94 3.21 16.46
C LYS A 321 3.53 4.36 17.36
N ILE A 322 3.20 5.50 16.76
CA ILE A 322 2.86 6.70 17.52
C ILE A 322 1.54 6.52 18.25
N PHE A 323 0.60 5.78 17.65
CA PHE A 323 -0.73 5.62 18.21
C PHE A 323 -0.80 4.55 19.30
N GLU A 324 0.34 4.00 19.73
CA GLU A 324 0.31 3.01 20.81
C GLU A 324 0.02 3.67 22.15
N LYS A 325 0.66 4.81 22.42
CA LYS A 325 0.40 5.52 23.67
C LYS A 325 -1.00 6.10 23.72
N THR A 326 -1.64 6.31 22.56
CA THR A 326 -3.01 6.81 22.54
C THR A 326 -4.01 5.71 22.84
N ILE A 327 -3.82 4.52 22.25
CA ILE A 327 -4.76 3.44 22.52
C ILE A 327 -4.60 2.93 23.95
N LYS A 328 -3.38 2.99 24.50
CA LYS A 328 -3.21 2.63 25.91
C LYS A 328 -3.97 3.58 26.82
N LYS A 329 -4.02 4.86 26.45
CA LYS A 329 -4.89 5.80 27.17
C LYS A 329 -6.35 5.42 26.98
N ASN A 330 -6.75 5.10 25.75
CA ASN A 330 -8.12 4.70 25.48
C ASN A 330 -8.47 3.35 26.10
N ILE A 331 -7.47 2.57 26.51
CA ILE A 331 -7.69 1.28 27.15
C ILE A 331 -7.63 1.39 28.66
N GLU A 332 -6.56 2.00 29.19
CA GLU A 332 -6.46 2.21 30.63
C GLU A 332 -7.59 3.08 31.14
N ASN A 333 -7.89 4.15 30.42
CA ASN A 333 -9.07 4.96 30.69
C ASN A 333 -10.21 4.52 29.78
N GLY A 334 -11.42 4.97 30.12
CA GLY A 334 -12.59 4.65 29.31
C GLY A 334 -12.89 3.16 29.19
#